data_3KL7
#
_entry.id   3KL7
#
_cell.length_a   95.034
_cell.length_b   95.034
_cell.length_c   63.295
_cell.angle_alpha   90.00
_cell.angle_beta   90.00
_cell.angle_gamma   120.00
#
_symmetry.space_group_name_H-M   'P 32 2 1'
#
loop_
_entity.id
_entity.type
_entity.pdbx_description
1 polymer 'Putative metal-dependent hydrolase'
2 non-polymer 'UNKNOWN LIGAND'
3 non-polymer 'ZINC ION'
4 non-polymer 'ACETATE ION'
5 non-polymer GLYCEROL
6 water water
#
_entity_poly.entity_id   1
_entity_poly.type   'polypeptide(L)'
_entity_poly.pdbx_seq_one_letter_code
;(MSE)GSDKIHHHHHHENLYFQGDSFKTKSGKELTITFIKHGSL(MSE)LTYDNHSIQVDPVSEYADYTTFPKADIILIT
HEHGDHLDPKAIQAVEKSDTEIIANENSQKKLGKGKVLKNGDTDTSISY(MSE)KIEAVPAYNTTPGRDKYHPRHRDNGY
ILTFDGLRVYIAGDTEDIPE(MSE)KDLKDIDIAFLPVNQPYT(MSE)TVSQAAKAAR(MSE)FSPKILYPYHYGDTKIG
ELKDALKDSGIDVRIRELQ
;
_entity_poly.pdbx_strand_id   A
#
# COMPACT_ATOMS: atom_id res chain seq x y z
N TYR A 16 -0.14 -20.58 2.83
CA TYR A 16 -1.23 -20.20 3.80
C TYR A 16 -0.92 -18.79 4.43
N PHE A 17 -1.38 -17.73 3.75
CA PHE A 17 -1.14 -16.35 4.21
C PHE A 17 -2.22 -15.88 5.23
N GLN A 18 -1.80 -15.09 6.22
CA GLN A 18 -2.75 -14.53 7.23
C GLN A 18 -3.57 -13.43 6.57
N GLY A 19 -4.75 -13.18 7.10
CA GLY A 19 -5.59 -12.07 6.65
C GLY A 19 -6.48 -11.59 7.77
N ASP A 20 -6.92 -10.34 7.68
CA ASP A 20 -7.83 -9.74 8.65
C ASP A 20 -9.05 -9.18 7.91
N SER A 21 -10.20 -9.25 8.54
CA SER A 21 -11.42 -8.82 7.92
C SER A 21 -12.00 -7.59 8.61
N PHE A 22 -12.60 -6.72 7.80
CA PHE A 22 -13.19 -5.50 8.28
C PHE A 22 -14.62 -5.36 7.71
N LYS A 23 -15.49 -4.75 8.48
CA LYS A 23 -16.84 -4.51 8.04
C LYS A 23 -16.98 -3.05 7.69
N THR A 24 -17.70 -2.75 6.61
CA THR A 24 -17.96 -1.34 6.18
C THR A 24 -19.31 -0.91 6.78
N LYS A 25 -19.73 0.35 6.53
CA LYS A 25 -20.96 0.86 7.19
C LYS A 25 -22.24 0.12 6.77
N SER A 26 -22.26 -0.42 5.55
CA SER A 26 -23.47 -1.08 5.07
C SER A 26 -23.44 -2.60 5.36
N GLY A 27 -22.34 -3.07 5.95
CA GLY A 27 -22.23 -4.46 6.35
C GLY A 27 -21.35 -5.28 5.42
N LYS A 28 -20.76 -4.65 4.42
CA LYS A 28 -19.96 -5.38 3.48
C LYS A 28 -18.56 -5.68 4.07
N GLU A 29 -17.92 -6.75 3.58
CA GLU A 29 -16.68 -7.21 4.16
C GLU A 29 -15.47 -6.91 3.27
N LEU A 30 -14.44 -6.31 3.88
CA LEU A 30 -13.10 -6.17 3.24
C LEU A 30 -12.11 -7.05 3.98
N THR A 31 -11.46 -7.96 3.25
CA THR A 31 -10.42 -8.78 3.79
C THR A 31 -9.05 -8.41 3.19
N ILE A 32 -8.09 -8.10 4.04
CA ILE A 32 -6.75 -7.84 3.60
C ILE A 32 -5.87 -9.08 3.86
N THR A 33 -5.29 -9.63 2.80
CA THR A 33 -4.40 -10.79 2.91
C THR A 33 -2.97 -10.30 2.85
N PHE A 34 -2.19 -10.68 3.84
CA PHE A 34 -0.82 -10.16 3.98
C PHE A 34 0.17 -11.11 3.32
N ILE A 35 0.69 -10.71 2.16
CA ILE A 35 1.58 -11.58 1.39
C ILE A 35 3.04 -11.45 1.87
N LYS A 36 3.64 -10.27 1.70
CA LYS A 36 5.02 -10.00 2.22
C LYS A 36 5.43 -8.59 1.87
N HIS A 37 6.39 -8.03 2.61
CA HIS A 37 7.00 -6.77 2.20
C HIS A 37 5.87 -5.68 1.96
N GLY A 38 5.74 -5.13 0.74
CA GLY A 38 4.66 -4.15 0.42
C GLY A 38 3.50 -4.78 -0.36
N SER A 39 3.49 -6.12 -0.47
CA SER A 39 2.56 -6.83 -1.31
C SER A 39 1.33 -7.29 -0.52
N LEU A 40 0.17 -6.88 -1.00
CA LEU A 40 -1.11 -7.16 -0.32
C LEU A 40 -2.16 -7.59 -1.34
N LEU A 42 -6.32 -7.52 -1.57
CA LEU A 42 -7.53 -7.01 -0.91
C LEU A 42 -8.73 -7.64 -1.56
N THR A 43 -9.62 -8.18 -0.76
CA THR A 43 -10.85 -8.75 -1.30
C THR A 43 -12.03 -7.99 -0.74
N TYR A 44 -12.86 -7.43 -1.63
CA TYR A 44 -14.06 -6.69 -1.23
C TYR A 44 -15.20 -6.94 -2.18
N ASP A 45 -16.35 -7.37 -1.65
CA ASP A 45 -17.56 -7.55 -2.46
C ASP A 45 -17.28 -8.44 -3.72
N ASN A 46 -16.57 -9.55 -3.51
CA ASN A 46 -16.22 -10.50 -4.62
C ASN A 46 -15.33 -9.93 -5.71
N HIS A 47 -14.63 -8.85 -5.39
CA HIS A 47 -13.62 -8.29 -6.26
C HIS A 47 -12.27 -8.53 -5.62
N SER A 48 -11.27 -8.83 -6.45
CA SER A 48 -9.92 -9.09 -5.95
C SER A 48 -8.94 -8.01 -6.44
N ILE A 49 -8.22 -7.42 -5.48
CA ILE A 49 -7.29 -6.32 -5.75
C ILE A 49 -5.90 -6.69 -5.30
N GLN A 50 -4.95 -6.65 -6.22
CA GLN A 50 -3.57 -6.91 -5.88
C GLN A 50 -2.82 -5.61 -5.83
N VAL A 51 -2.03 -5.43 -4.76
CA VAL A 51 -1.16 -4.29 -4.61
C VAL A 51 0.31 -4.72 -4.71
N ASP A 52 1.06 -4.07 -5.59
CA ASP A 52 2.52 -4.33 -5.75
C ASP A 52 2.83 -5.84 -5.72
N PRO A 53 2.16 -6.63 -6.58
CA PRO A 53 2.38 -8.07 -6.58
C PRO A 53 3.76 -8.43 -7.11
N VAL A 54 4.47 -9.28 -6.37
CA VAL A 54 5.87 -9.60 -6.66
C VAL A 54 6.09 -11.14 -6.54
N SER A 55 6.50 -11.77 -7.62
CA SER A 55 6.55 -13.24 -7.71
C SER A 55 7.53 -13.91 -6.74
N GLU A 56 8.50 -13.17 -6.27
CA GLU A 56 9.45 -13.68 -5.31
C GLU A 56 8.78 -14.04 -3.97
N TYR A 57 7.64 -13.39 -3.67
CA TYR A 57 6.94 -13.58 -2.38
C TYR A 57 5.78 -14.57 -2.45
N ALA A 58 5.32 -14.91 -3.64
CA ALA A 58 4.19 -15.83 -3.79
C ALA A 58 4.07 -16.42 -5.18
N ASP A 59 3.43 -17.57 -5.25
CA ASP A 59 3.07 -18.12 -6.50
C ASP A 59 1.71 -17.52 -6.90
N TYR A 60 1.76 -16.43 -7.69
CA TYR A 60 0.53 -15.66 -8.03
C TYR A 60 -0.42 -16.38 -9.00
N THR A 61 -0.02 -17.56 -9.49
CA THR A 61 -0.94 -18.38 -10.32
C THR A 61 -2.03 -19.06 -9.46
N THR A 62 -1.79 -19.16 -8.15
CA THR A 62 -2.73 -19.82 -7.25
C THR A 62 -3.80 -18.85 -6.68
N PHE A 63 -3.64 -17.55 -6.90
CA PHE A 63 -4.66 -16.57 -6.45
C PHE A 63 -5.77 -16.44 -7.48
N PRO A 64 -6.96 -15.95 -7.05
CA PRO A 64 -7.98 -15.61 -8.03
C PRO A 64 -7.47 -14.45 -8.88
N LYS A 65 -8.04 -14.30 -10.09
CA LYS A 65 -7.54 -13.30 -11.01
C LYS A 65 -7.92 -11.90 -10.56
N ALA A 66 -6.94 -10.99 -10.62
CA ALA A 66 -7.14 -9.60 -10.21
C ALA A 66 -8.19 -8.89 -11.06
N ASP A 67 -9.13 -8.25 -10.39
CA ASP A 67 -9.97 -7.27 -11.04
C ASP A 67 -9.18 -5.97 -11.17
N ILE A 68 -8.29 -5.74 -10.21
CA ILE A 68 -7.51 -4.53 -10.17
C ILE A 68 -6.12 -4.81 -9.67
N ILE A 69 -5.11 -4.20 -10.33
CA ILE A 69 -3.71 -4.24 -9.86
C ILE A 69 -3.22 -2.82 -9.64
N LEU A 70 -2.82 -2.55 -8.41
CA LEU A 70 -2.30 -1.24 -8.02
C LEU A 70 -0.77 -1.31 -7.92
N ILE A 71 -0.08 -0.44 -8.65
CA ILE A 71 1.37 -0.31 -8.47
C ILE A 71 1.72 1.05 -7.86
N THR A 72 2.45 1.04 -6.74
CA THR A 72 2.90 2.30 -6.07
C THR A 72 4.10 2.94 -6.79
N HIS A 73 5.09 2.12 -7.17
CA HIS A 73 6.26 2.63 -7.91
C HIS A 73 7.05 1.52 -8.55
N GLU A 74 8.10 1.90 -9.28
CA GLU A 74 8.73 1.05 -10.30
C GLU A 74 9.82 0.08 -9.82
N HIS A 75 10.26 0.23 -8.57
CA HIS A 75 11.30 -0.66 -8.02
C HIS A 75 10.89 -2.14 -8.08
N GLY A 76 11.88 -3.01 -8.24
CA GLY A 76 11.65 -4.47 -8.49
C GLY A 76 10.95 -5.25 -7.36
N ASP A 77 11.04 -4.74 -6.13
CA ASP A 77 10.32 -5.35 -5.01
C ASP A 77 8.85 -4.80 -4.90
N HIS A 78 8.38 -4.18 -5.99
CA HIS A 78 7.00 -3.63 -6.08
C HIS A 78 6.38 -3.86 -7.48
N LEU A 79 7.19 -3.63 -8.53
CA LEU A 79 6.74 -3.79 -9.91
C LEU A 79 7.37 -5.02 -10.50
N ASP A 80 6.54 -6.01 -10.78
CA ASP A 80 6.99 -7.27 -11.32
C ASP A 80 6.01 -7.78 -12.39
N PRO A 81 6.40 -7.68 -13.67
CA PRO A 81 5.55 -8.11 -14.79
C PRO A 81 5.18 -9.59 -14.75
N LYS A 82 6.09 -10.44 -14.30
CA LYS A 82 5.85 -11.89 -14.24
C LYS A 82 4.67 -12.15 -13.30
N ALA A 83 4.71 -11.53 -12.13
CA ALA A 83 3.65 -11.65 -11.16
C ALA A 83 2.32 -11.08 -11.72
N ILE A 84 2.43 -9.96 -12.45
CA ILE A 84 1.26 -9.34 -13.07
C ILE A 84 0.61 -10.27 -14.08
N GLN A 85 1.44 -10.91 -14.92
CA GLN A 85 0.95 -11.87 -15.91
C GLN A 85 0.26 -13.05 -15.24
N ALA A 86 0.83 -13.50 -14.13
CA ALA A 86 0.38 -14.72 -13.50
C ALA A 86 -1.01 -14.54 -12.88
N VAL A 87 -1.38 -13.30 -12.57
CA VAL A 87 -2.60 -13.04 -11.85
C VAL A 87 -3.65 -12.23 -12.64
N GLU A 88 -3.28 -11.68 -13.81
CA GLU A 88 -4.21 -10.84 -14.59
C GLU A 88 -5.20 -11.67 -15.42
N LYS A 89 -6.31 -11.04 -15.77
CA LYS A 89 -7.26 -11.59 -16.73
C LYS A 89 -7.52 -10.50 -17.77
N SER A 90 -8.35 -10.78 -18.76
CA SER A 90 -8.46 -9.86 -19.89
C SER A 90 -9.06 -8.51 -19.50
N ASP A 91 -9.92 -8.49 -18.49
CA ASP A 91 -10.57 -7.22 -18.07
C ASP A 91 -9.98 -6.60 -16.77
N THR A 92 -8.78 -7.05 -16.37
CA THR A 92 -8.08 -6.45 -15.25
C THR A 92 -7.71 -4.99 -15.56
N GLU A 93 -7.95 -4.09 -14.61
CA GLU A 93 -7.50 -2.69 -14.75
CA GLU A 93 -7.50 -2.70 -14.75
C GLU A 93 -6.28 -2.48 -13.87
N ILE A 94 -5.17 -2.07 -14.51
CA ILE A 94 -3.93 -1.75 -13.77
C ILE A 94 -3.92 -0.23 -13.50
N ILE A 95 -3.76 0.16 -12.23
CA ILE A 95 -3.64 1.58 -11.85
C ILE A 95 -2.23 1.80 -11.28
N ALA A 96 -1.46 2.74 -11.84
CA ALA A 96 -0.03 2.85 -11.49
C ALA A 96 0.49 4.30 -11.58
N ASN A 97 1.68 4.53 -11.02
CA ASN A 97 2.35 5.80 -11.23
C ASN A 97 2.86 5.83 -12.64
N GLU A 98 3.23 7.00 -13.13
CA GLU A 98 3.57 7.16 -14.52
C GLU A 98 4.76 6.27 -14.97
N ASN A 99 5.84 6.27 -14.20
CA ASN A 99 7.01 5.49 -14.58
C ASN A 99 6.72 3.98 -14.68
N SER A 100 5.89 3.46 -13.78
CA SER A 100 5.59 2.02 -13.79
C SER A 100 4.72 1.67 -15.00
N GLN A 101 3.72 2.51 -15.27
CA GLN A 101 2.86 2.37 -16.44
C GLN A 101 3.68 2.34 -17.71
N LYS A 102 4.63 3.26 -17.84
CA LYS A 102 5.50 3.30 -19.01
CA LYS A 102 5.48 3.31 -19.01
C LYS A 102 6.24 1.99 -19.20
N LYS A 103 6.83 1.49 -18.11
CA LYS A 103 7.61 0.23 -18.15
C LYS A 103 6.72 -0.95 -18.50
N LEU A 104 5.46 -0.89 -18.11
CA LEU A 104 4.53 -1.97 -18.40
C LEU A 104 4.02 -1.90 -19.79
N GLY A 105 3.75 -0.67 -20.25
CA GLY A 105 3.18 -0.46 -21.58
C GLY A 105 1.67 -0.56 -21.58
N LYS A 106 1.08 -0.57 -20.39
CA LYS A 106 -0.38 -0.63 -20.26
C LYS A 106 -0.77 -0.15 -18.87
N GLY A 107 -2.05 0.14 -18.70
CA GLY A 107 -2.56 0.56 -17.43
C GLY A 107 -2.85 2.05 -17.39
N LYS A 108 -3.53 2.46 -16.30
CA LYS A 108 -3.92 3.86 -16.07
C LYS A 108 -2.90 4.56 -15.17
N VAL A 109 -2.56 5.80 -15.50
CA VAL A 109 -1.57 6.59 -14.75
C VAL A 109 -2.27 7.52 -13.75
N LEU A 110 -1.87 7.45 -12.48
CA LEU A 110 -2.29 8.43 -11.51
C LEU A 110 -1.07 9.19 -11.04
N LYS A 111 -1.20 10.51 -10.93
CA LYS A 111 -0.17 11.36 -10.33
C LYS A 111 -0.61 11.79 -8.92
N ASN A 112 0.33 12.33 -8.15
CA ASN A 112 0.03 12.84 -6.82
C ASN A 112 -1.11 13.85 -6.87
N GLY A 113 -2.10 13.69 -6.00
CA GLY A 113 -3.28 14.60 -5.95
C GLY A 113 -4.44 14.16 -6.84
N ASP A 114 -4.22 13.13 -7.66
CA ASP A 114 -5.29 12.60 -8.53
C ASP A 114 -6.29 11.85 -7.68
N THR A 115 -7.56 12.02 -8.01
CA THR A 115 -8.64 11.19 -7.50
C THR A 115 -9.21 10.40 -8.67
N ASP A 116 -9.51 9.12 -8.45
CA ASP A 116 -10.18 8.28 -9.46
C ASP A 116 -11.42 7.67 -8.84
N THR A 117 -12.59 8.02 -9.39
CA THR A 117 -13.85 7.54 -8.91
C THR A 117 -14.53 6.61 -9.93
N SER A 118 -13.76 6.10 -10.90
CA SER A 118 -14.35 5.34 -12.01
C SER A 118 -14.64 3.86 -11.68
N ILE A 119 -13.99 3.31 -10.65
CA ILE A 119 -14.36 1.98 -10.12
C ILE A 119 -15.46 2.20 -9.10
N SER A 120 -16.64 1.67 -9.36
CA SER A 120 -17.81 2.02 -8.58
C SER A 120 -17.74 1.54 -7.13
N TYR A 121 -16.90 0.54 -6.87
CA TYR A 121 -16.81 -0.07 -5.53
C TYR A 121 -15.54 0.34 -4.77
N LYS A 123 -12.97 3.90 -4.48
CA LYS A 123 -12.42 5.19 -4.86
C LYS A 123 -10.95 5.15 -4.59
N ILE A 124 -10.16 5.73 -5.49
CA ILE A 124 -8.71 5.79 -5.31
C ILE A 124 -8.25 7.22 -5.27
N GLU A 125 -7.39 7.55 -4.31
CA GLU A 125 -6.71 8.82 -4.31
C GLU A 125 -5.21 8.54 -4.26
N ALA A 126 -4.47 9.19 -5.14
CA ALA A 126 -3.02 9.08 -5.15
C ALA A 126 -2.40 10.22 -4.34
N VAL A 127 -1.55 9.85 -3.42
CA VAL A 127 -0.93 10.80 -2.52
C VAL A 127 0.60 10.64 -2.64
N PRO A 128 1.37 11.62 -2.15
CA PRO A 128 2.81 11.54 -2.30
C PRO A 128 3.45 10.44 -1.46
N ALA A 129 4.59 9.97 -1.91
CA ALA A 129 5.37 9.01 -1.20
C ALA A 129 6.85 9.22 -1.65
N TYR A 130 7.68 9.81 -0.75
CA TYR A 130 9.09 10.15 -1.09
C TYR A 130 9.99 10.29 0.15
N ASN A 131 11.30 10.32 -0.09
CA ASN A 131 12.28 10.40 0.98
C ASN A 131 12.54 11.84 1.35
N THR A 132 12.73 12.08 2.64
CA THR A 132 13.00 13.43 3.13
C THR A 132 14.48 13.60 3.57
N THR A 133 15.13 12.48 3.93
CA THR A 133 16.54 12.53 4.38
C THR A 133 17.47 12.96 3.25
N PRO A 134 18.33 13.94 3.52
CA PRO A 134 19.26 14.40 2.48
C PRO A 134 19.99 13.23 1.83
N GLY A 135 20.04 13.21 0.50
CA GLY A 135 20.73 12.13 -0.21
C GLY A 135 19.87 10.90 -0.53
N ARG A 136 18.72 10.75 0.12
CA ARG A 136 17.87 9.57 -0.10
C ARG A 136 16.79 9.78 -1.17
N ASP A 137 16.86 10.91 -1.86
CA ASP A 137 16.00 11.16 -3.02
C ASP A 137 16.46 10.30 -4.21
N LYS A 138 17.67 9.77 -4.13
CA LYS A 138 18.11 8.77 -5.10
C LYS A 138 17.16 7.53 -5.00
N TYR A 139 16.67 7.25 -3.80
CA TYR A 139 15.74 6.14 -3.64
C TYR A 139 14.34 6.48 -4.17
N HIS A 140 13.66 7.43 -3.53
CA HIS A 140 12.30 7.82 -3.92
C HIS A 140 12.19 9.32 -3.98
N PRO A 141 12.44 9.91 -5.16
CA PRO A 141 12.38 11.34 -5.28
C PRO A 141 10.96 11.84 -5.37
N ARG A 142 10.75 13.02 -4.83
CA ARG A 142 9.45 13.63 -4.78
C ARG A 142 8.70 13.58 -6.14
N HIS A 143 7.38 13.41 -6.06
CA HIS A 143 6.45 13.43 -7.24
C HIS A 143 6.44 12.13 -8.05
N ARG A 144 7.58 11.44 -8.11
CA ARG A 144 7.73 10.26 -8.97
C ARG A 144 6.79 9.11 -8.61
N ASP A 145 6.55 8.90 -7.32
CA ASP A 145 5.85 7.71 -6.83
C ASP A 145 4.54 8.05 -6.06
N ASN A 146 3.70 7.04 -5.88
CA ASN A 146 2.39 7.20 -5.24
C ASN A 146 2.24 6.39 -4.02
N GLY A 147 1.58 6.96 -3.03
CA GLY A 147 0.83 6.17 -2.06
C GLY A 147 -0.63 6.23 -2.57
N TYR A 148 -1.51 5.37 -2.01
CA TYR A 148 -2.94 5.33 -2.39
C TYR A 148 -3.85 5.29 -1.19
N ILE A 149 -4.98 6.01 -1.27
CA ILE A 149 -6.05 5.86 -0.30
C ILE A 149 -7.17 5.19 -1.06
N LEU A 150 -7.59 4.04 -0.57
CA LEU A 150 -8.63 3.25 -1.17
C LEU A 150 -9.82 3.30 -0.28
N THR A 151 -10.95 3.71 -0.84
CA THR A 151 -12.16 3.83 -0.05
C THR A 151 -13.21 2.80 -0.50
N PHE A 152 -13.63 1.94 0.43
CA PHE A 152 -14.69 0.97 0.19
C PHE A 152 -15.86 1.31 1.13
N ASP A 153 -16.96 1.81 0.57
CA ASP A 153 -18.18 2.05 1.37
C ASP A 153 -17.83 2.76 2.71
N GLY A 154 -17.01 3.81 2.63
CA GLY A 154 -16.66 4.60 3.82
C GLY A 154 -15.39 4.14 4.55
N LEU A 155 -14.95 2.92 4.31
CA LEU A 155 -13.75 2.41 4.95
C LEU A 155 -12.54 2.84 4.15
N ARG A 156 -11.66 3.64 4.78
CA ARG A 156 -10.49 4.21 4.08
C ARG A 156 -9.20 3.52 4.46
N VAL A 157 -8.53 2.97 3.47
CA VAL A 157 -7.30 2.21 3.66
C VAL A 157 -6.18 2.96 2.98
N TYR A 158 -5.20 3.40 3.74
CA TYR A 158 -4.04 4.14 3.21
C TYR A 158 -2.88 3.20 3.03
N ILE A 159 -2.45 3.00 1.79
CA ILE A 159 -1.24 2.23 1.49
C ILE A 159 -0.13 3.22 1.08
N ALA A 160 0.85 3.43 1.96
CA ALA A 160 1.81 4.52 1.76
C ALA A 160 2.80 4.25 0.62
N GLY A 161 3.04 3.00 0.31
CA GLY A 161 4.14 2.69 -0.61
C GLY A 161 5.48 2.97 0.09
N ASP A 162 6.49 3.43 -0.65
CA ASP A 162 7.81 3.72 -0.07
C ASP A 162 8.01 5.22 0.16
N THR A 163 8.11 5.61 1.44
CA THR A 163 8.16 7.02 1.83
C THR A 163 8.81 7.19 3.20
N GLU A 164 9.12 8.41 3.54
CA GLU A 164 9.52 8.74 4.91
C GLU A 164 8.37 9.52 5.54
N ASP A 165 8.59 10.07 6.74
CA ASP A 165 7.53 10.79 7.46
C ASP A 165 7.32 12.16 6.87
N ILE A 166 6.74 12.20 5.68
CA ILE A 166 6.62 13.44 4.93
C ILE A 166 5.51 14.32 5.52
N PRO A 167 5.62 15.67 5.33
CA PRO A 167 4.68 16.63 5.93
C PRO A 167 3.26 16.53 5.38
N GLU A 168 3.11 15.95 4.19
CA GLU A 168 1.80 15.77 3.60
C GLU A 168 0.96 14.73 4.33
N LYS A 170 0.15 14.97 7.32
CA LYS A 170 -0.79 15.78 8.14
C LYS A 170 -2.11 16.00 7.39
N ASP A 171 -2.08 15.88 6.07
CA ASP A 171 -3.29 16.11 5.21
C ASP A 171 -4.20 14.86 5.06
N LEU A 172 -3.74 13.72 5.59
CA LEU A 172 -4.52 12.48 5.49
C LEU A 172 -5.64 12.48 6.55
N LYS A 173 -6.89 12.44 6.09
CA LYS A 173 -8.01 12.51 7.03
C LYS A 173 -8.82 11.24 7.02
N ASP A 174 -9.35 10.90 8.20
CA ASP A 174 -10.30 9.80 8.39
C ASP A 174 -9.81 8.47 7.84
N ILE A 175 -8.56 8.13 8.15
CA ILE A 175 -8.00 6.87 7.70
C ILE A 175 -8.33 5.79 8.72
N ASP A 176 -9.04 4.75 8.28
CA ASP A 176 -9.37 3.61 9.15
C ASP A 176 -8.17 2.66 9.29
N ILE A 177 -7.51 2.37 8.18
CA ILE A 177 -6.40 1.39 8.16
C ILE A 177 -5.22 1.94 7.39
N ALA A 178 -4.02 1.84 7.94
CA ALA A 178 -2.85 2.38 7.26
C ALA A 178 -1.75 1.39 7.25
N PHE A 179 -1.06 1.34 6.13
CA PHE A 179 0.15 0.61 5.98
C PHE A 179 1.29 1.58 5.80
N LEU A 180 2.23 1.58 6.73
CA LEU A 180 3.44 2.41 6.64
C LEU A 180 4.69 1.53 6.54
N PRO A 181 5.65 1.94 5.67
CA PRO A 181 6.92 1.22 5.43
C PRO A 181 8.00 1.53 6.44
N VAL A 182 8.62 0.49 7.01
CA VAL A 182 9.54 0.66 8.10
C VAL A 182 10.81 -0.19 7.89
N ASN A 183 11.61 0.18 6.88
CA ASN A 183 12.92 -0.44 6.71
C ASN A 183 13.98 0.59 6.37
N GLN A 184 15.25 0.23 6.56
CA GLN A 184 16.32 1.14 6.32
C GLN A 184 17.33 0.58 5.29
N PRO A 185 17.93 1.49 4.46
CA PRO A 185 17.74 2.94 4.50
C PRO A 185 16.61 3.48 3.60
N TYR A 186 15.83 2.59 3.02
CA TYR A 186 14.92 2.94 1.94
C TYR A 186 13.67 3.72 2.40
N THR A 187 13.12 3.37 3.56
CA THR A 187 11.91 4.02 4.04
C THR A 187 12.12 4.49 5.50
N THR A 189 12.46 4.54 9.87
CA THR A 189 12.85 3.92 11.14
C THR A 189 11.62 3.84 12.02
N VAL A 190 11.75 3.18 13.16
CA VAL A 190 10.59 2.98 14.05
C VAL A 190 10.09 4.32 14.55
N SER A 191 11.01 5.21 14.92
CA SER A 191 10.65 6.54 15.41
C SER A 191 9.96 7.38 14.34
N GLN A 192 10.44 7.28 13.11
CA GLN A 192 9.84 8.01 11.98
C GLN A 192 8.44 7.55 11.73
N ALA A 193 8.25 6.22 11.70
CA ALA A 193 6.94 5.62 11.54
C ALA A 193 5.97 6.08 12.63
N ALA A 194 6.44 6.11 13.87
CA ALA A 194 5.61 6.55 15.00
C ALA A 194 5.19 8.03 14.80
N LYS A 195 6.16 8.87 14.42
CA LYS A 195 5.91 10.26 14.12
C LYS A 195 4.91 10.38 12.95
N ALA A 196 5.12 9.59 11.90
CA ALA A 196 4.19 9.55 10.76
C ALA A 196 2.77 9.16 11.22
N ALA A 197 2.65 8.06 11.95
CA ALA A 197 1.38 7.61 12.48
C ALA A 197 0.65 8.72 13.27
N ARG A 198 1.40 9.44 14.14
CA ARG A 198 0.81 10.48 14.99
CA ARG A 198 0.83 10.50 14.99
C ARG A 198 0.35 11.70 14.18
N PHE A 200 -1.50 11.64 11.50
CA PHE A 200 -2.87 11.46 10.98
C PHE A 200 -3.75 10.45 11.75
N SER A 201 -3.19 9.81 12.79
CA SER A 201 -3.95 8.97 13.72
C SER A 201 -4.85 7.95 13.07
N PRO A 202 -4.27 7.01 12.31
CA PRO A 202 -5.10 5.96 11.80
C PRO A 202 -5.62 5.10 12.95
N LYS A 203 -6.82 4.54 12.79
CA LYS A 203 -7.37 3.71 13.79
C LYS A 203 -6.56 2.42 13.90
N ILE A 204 -6.18 1.86 12.75
CA ILE A 204 -5.42 0.61 12.72
C ILE A 204 -4.18 0.80 11.89
N LEU A 205 -3.02 0.35 12.41
CA LEU A 205 -1.74 0.55 11.71
C LEU A 205 -1.04 -0.78 11.52
N TYR A 206 -0.82 -1.14 10.26
CA TYR A 206 0.00 -2.29 9.93
C TYR A 206 1.38 -1.82 9.44
N PRO A 207 2.42 -1.93 10.28
CA PRO A 207 3.72 -1.75 9.69
C PRO A 207 3.95 -2.78 8.57
N TYR A 208 4.47 -2.33 7.44
CA TYR A 208 4.81 -3.25 6.39
C TYR A 208 6.12 -2.87 5.70
N HIS A 209 6.55 -3.68 4.73
CA HIS A 209 7.78 -3.39 4.02
C HIS A 209 8.89 -3.13 5.08
N TYR A 210 8.95 -3.99 6.11
CA TYR A 210 9.87 -3.71 7.25
C TYR A 210 11.15 -4.53 7.35
N GLY A 211 11.39 -5.38 6.35
CA GLY A 211 12.65 -6.17 6.29
C GLY A 211 13.04 -6.80 7.61
N ASP A 212 14.29 -6.58 8.02
CA ASP A 212 14.81 -7.13 9.30
C ASP A 212 14.58 -6.22 10.51
N THR A 213 13.82 -5.14 10.34
CA THR A 213 13.51 -4.25 11.47
C THR A 213 12.84 -5.05 12.56
N LYS A 214 13.28 -4.79 13.80
CA LYS A 214 12.63 -5.33 14.98
C LYS A 214 11.38 -4.50 15.25
N ILE A 215 10.31 -4.89 14.58
CA ILE A 215 9.16 -4.03 14.41
C ILE A 215 8.32 -3.90 15.70
N GLY A 216 8.45 -4.87 16.60
CA GLY A 216 7.75 -4.84 17.88
C GLY A 216 7.89 -3.52 18.62
N GLU A 217 9.00 -2.83 18.40
CA GLU A 217 9.26 -1.56 19.08
C GLU A 217 8.23 -0.45 18.67
N LEU A 218 7.60 -0.62 17.50
CA LEU A 218 6.57 0.34 17.05
C LEU A 218 5.34 0.31 17.99
N LYS A 219 4.97 -0.86 18.50
CA LYS A 219 3.87 -0.94 19.49
C LYS A 219 4.22 -0.16 20.71
N ASP A 220 5.45 -0.32 21.19
CA ASP A 220 5.92 0.42 22.36
C ASP A 220 5.96 1.90 22.04
N ALA A 221 6.53 2.24 20.90
CA ALA A 221 6.69 3.64 20.51
C ALA A 221 5.35 4.37 20.41
N LEU A 222 4.27 3.62 20.08
CA LEU A 222 2.93 4.23 19.93
C LEU A 222 1.99 3.85 21.10
N LYS A 223 2.59 3.35 22.18
CA LYS A 223 1.86 3.09 23.43
C LYS A 223 1.07 4.34 23.78
N ASP A 224 -0.20 4.15 24.11
CA ASP A 224 -1.08 5.26 24.53
C ASP A 224 -1.52 6.20 23.39
N SER A 225 -1.09 5.91 22.16
CA SER A 225 -1.53 6.70 21.00
C SER A 225 -3.01 6.43 20.68
N GLY A 226 -3.52 5.29 21.10
CA GLY A 226 -4.86 4.87 20.74
C GLY A 226 -4.92 4.20 19.37
N ILE A 227 -3.74 3.99 18.75
CA ILE A 227 -3.65 3.33 17.45
C ILE A 227 -3.38 1.84 17.64
N ASP A 228 -4.14 0.98 16.98
CA ASP A 228 -3.92 -0.46 17.07
C ASP A 228 -2.82 -0.85 16.08
N VAL A 229 -1.62 -1.04 16.59
CA VAL A 229 -0.49 -1.45 15.77
C VAL A 229 -0.55 -2.96 15.66
N ARG A 230 -0.71 -3.49 14.45
CA ARG A 230 -0.85 -4.94 14.24
C ARG A 230 0.35 -5.45 13.49
N ILE A 231 1.09 -6.36 14.09
CA ILE A 231 2.27 -6.93 13.46
C ILE A 231 1.92 -8.19 12.65
N ARG A 232 2.24 -8.14 11.36
CA ARG A 232 2.01 -9.25 10.46
C ARG A 232 3.33 -9.58 9.75
N GLU A 233 3.36 -10.67 9.01
CA GLU A 233 4.60 -11.10 8.35
C GLU A 233 4.78 -10.32 7.05
N LEU A 234 5.16 -9.06 7.20
CA LEU A 234 5.27 -8.15 6.07
C LEU A 234 6.68 -7.54 5.98
N GLN A 235 7.68 -8.37 6.21
CA GLN A 235 9.08 -7.90 6.05
C GLN A 235 9.42 -7.73 4.56
#